data_6VWU
#
_entry.id   6VWU
#
_cell.length_a   86.809
_cell.length_b   86.809
_cell.length_c   119.576
_cell.angle_alpha   90.000
_cell.angle_beta   90.000
_cell.angle_gamma   120.000
#
_symmetry.space_group_name_H-M   'P 32 2 1'
#
_entity_poly.entity_id   1
_entity_poly.type   'polypeptide(L)'
_entity_poly.pdbx_seq_one_letter_code
;SKNFHLRPRDLISNINVIVLELKGSETTFMCEYADETATIVEFLNRWITFSQSIISTLTGGSSSTKKTQLQLEHLLLDLQ
MILNGINNYKNPKLTRMLTFKFYMPKKATELKHLQCLEEELKPLEEVLNLAQGSGGGSELCDDDPPEIPHATFKAMAYKE
GTMLNCECKRGFRRIKSGSLYMLCTGNSSHSSWDNQCQCTSSATRNTTKQVTPQPEEQKERKTTEMQSPMQPVDQASLPG
HCREPPPWENEATERIYHFVVGQMVYYQCVQGYRALHRGPAESVCKMTHGKTRWTQPQLICTG
;
_entity_poly.pdbx_strand_id   A
#
# COMPACT_ATOMS: atom_id res chain seq x y z
N ASN A 3 5.48 14.65 -7.46
CA ASN A 3 6.51 15.59 -7.07
C ASN A 3 6.47 15.83 -5.56
N PHE A 4 7.08 14.92 -4.82
CA PHE A 4 7.16 15.00 -3.37
C PHE A 4 8.46 15.70 -2.98
N HIS A 5 8.34 16.92 -2.45
CA HIS A 5 9.50 17.75 -2.15
C HIS A 5 10.27 17.31 -0.90
N LEU A 6 10.36 16.00 -0.70
CA LEU A 6 11.12 15.43 0.42
C LEU A 6 11.25 13.92 0.26
N ARG A 7 12.39 13.39 0.65
CA ARG A 7 12.63 11.94 0.58
C ARG A 7 11.81 11.22 1.65
N PRO A 8 10.93 10.31 1.22
CA PRO A 8 10.08 9.46 2.06
C PRO A 8 10.75 8.88 3.31
N ARG A 9 12.04 8.55 3.20
CA ARG A 9 12.79 8.02 4.33
C ARG A 9 13.03 9.05 5.42
N ASP A 10 13.23 10.30 5.02
CA ASP A 10 13.53 11.38 5.96
C ASP A 10 12.30 11.85 6.71
N LEU A 11 11.17 11.91 6.01
CA LEU A 11 9.93 12.39 6.61
C LEU A 11 9.41 11.42 7.67
N ILE A 12 9.51 10.13 7.37
CA ILE A 12 9.08 9.10 8.30
C ILE A 12 10.04 9.04 9.47
N SER A 13 11.31 9.36 9.21
CA SER A 13 12.33 9.41 10.25
C SER A 13 11.97 10.45 11.31
N ASN A 14 11.54 11.63 10.85
CA ASN A 14 11.13 12.69 11.76
C ASN A 14 9.87 12.29 12.51
N ILE A 15 8.87 11.81 11.78
CA ILE A 15 7.59 11.40 12.35
C ILE A 15 7.79 10.31 13.40
N ASN A 16 8.72 9.41 13.14
CA ASN A 16 8.97 8.28 14.03
C ASN A 16 9.40 8.76 15.43
N VAL A 17 10.37 9.66 15.47
CA VAL A 17 10.91 10.14 16.73
C VAL A 17 9.87 10.96 17.50
N ILE A 18 9.07 11.73 16.77
CA ILE A 18 8.02 12.54 17.37
C ILE A 18 7.04 11.66 18.15
N VAL A 19 6.62 10.57 17.51
CA VAL A 19 5.70 9.62 18.12
C VAL A 19 6.30 9.04 19.39
N LEU A 20 7.60 8.75 19.34
CA LEU A 20 8.31 8.21 20.48
C LEU A 20 8.37 9.21 21.63
N GLU A 21 8.70 10.46 21.32
CA GLU A 21 8.84 11.50 22.33
C GLU A 21 7.51 11.91 22.96
N LEU A 22 6.45 11.18 22.63
CA LEU A 22 5.12 11.50 23.14
C LEU A 22 4.51 10.34 23.93
N LYS A 23 4.91 9.12 23.59
CA LYS A 23 4.31 7.94 24.20
C LYS A 23 5.04 7.52 25.48
N GLY A 24 6.36 7.60 25.47
CA GLY A 24 7.16 7.19 26.61
C GLY A 24 7.05 5.72 26.95
N THR A 28 5.35 1.27 27.64
CA THR A 28 5.26 0.95 26.23
C THR A 28 4.03 0.10 25.95
N PHE A 29 2.86 0.70 26.17
CA PHE A 29 1.56 0.03 26.03
C PHE A 29 1.37 -0.69 24.70
N MET A 30 0.96 -1.94 24.77
CA MET A 30 0.73 -2.75 23.57
C MET A 30 -0.55 -2.31 22.86
N CYS A 31 -0.41 -1.95 21.59
CA CYS A 31 -1.51 -1.41 20.81
C CYS A 31 -2.66 -2.39 20.65
N GLU A 32 -3.88 -1.87 20.70
CA GLU A 32 -5.08 -2.67 20.46
C GLU A 32 -5.79 -2.20 19.20
N TYR A 33 -5.80 -3.05 18.18
CA TYR A 33 -6.40 -2.71 16.88
C TYR A 33 -7.88 -3.01 16.83
N ALA A 34 -8.47 -2.81 15.65
CA ALA A 34 -9.83 -3.22 15.37
C ALA A 34 -9.81 -4.30 14.28
N ASP A 35 -10.96 -4.89 14.00
CA ASP A 35 -11.04 -5.93 12.98
C ASP A 35 -11.13 -5.35 11.57
N GLU A 36 -11.61 -4.11 11.48
CA GLU A 36 -11.79 -3.47 10.19
C GLU A 36 -10.53 -2.74 9.74
N THR A 37 -9.93 -3.22 8.65
CA THR A 37 -8.80 -2.52 8.03
C THR A 37 -9.30 -1.24 7.37
N ALA A 38 -8.37 -0.38 6.97
CA ALA A 38 -8.75 0.88 6.34
C ALA A 38 -7.74 1.31 5.28
N THR A 39 -8.21 2.07 4.32
CA THR A 39 -7.35 2.63 3.28
C THR A 39 -6.36 3.60 3.91
N ILE A 40 -5.31 3.94 3.15
CA ILE A 40 -4.25 4.80 3.65
C ILE A 40 -4.79 6.18 4.01
N VAL A 41 -5.93 6.56 3.45
CA VAL A 41 -6.52 7.85 3.71
C VAL A 41 -7.32 7.83 5.01
N GLU A 42 -8.17 6.81 5.17
CA GLU A 42 -8.89 6.62 6.41
C GLU A 42 -7.91 6.49 7.56
N PHE A 43 -6.80 5.84 7.27
CA PHE A 43 -5.71 5.65 8.22
C PHE A 43 -5.17 6.98 8.73
N LEU A 44 -4.91 7.90 7.82
CA LEU A 44 -4.35 9.19 8.18
C LEU A 44 -5.40 10.09 8.84
N ASN A 45 -6.65 9.94 8.44
CA ASN A 45 -7.74 10.76 8.99
C ASN A 45 -7.87 10.58 10.50
N ARG A 46 -7.83 9.33 10.95
CA ARG A 46 -7.97 9.00 12.36
C ARG A 46 -6.89 9.67 13.20
N TRP A 47 -5.66 9.66 12.69
CA TRP A 47 -4.53 10.22 13.42
C TRP A 47 -4.44 11.73 13.31
N ILE A 48 -4.88 12.28 12.18
CA ILE A 48 -4.95 13.73 12.02
C ILE A 48 -6.03 14.25 12.95
N THR A 49 -7.15 13.52 13.04
CA THR A 49 -8.20 13.85 13.99
C THR A 49 -7.70 13.63 15.41
N PHE A 50 -6.92 12.56 15.59
CA PHE A 50 -6.33 12.26 16.89
C PHE A 50 -5.42 13.39 17.34
N SER A 51 -4.66 13.94 16.41
CA SER A 51 -3.77 15.06 16.70
C SER A 51 -4.56 16.27 17.20
N GLN A 52 -5.41 16.81 16.33
CA GLN A 52 -6.16 18.02 16.61
C GLN A 52 -6.98 17.92 17.90
N SER A 53 -7.50 16.71 18.16
CA SER A 53 -8.32 16.48 19.35
C SER A 53 -7.53 16.69 20.64
N ILE A 54 -6.37 16.06 20.72
CA ILE A 54 -5.54 16.11 21.92
C ILE A 54 -5.00 17.51 22.14
N ILE A 55 -4.63 18.20 21.07
CA ILE A 55 -4.12 19.56 21.16
C ILE A 55 -5.17 20.47 21.78
N SER A 56 -6.43 20.20 21.46
CA SER A 56 -7.54 20.98 21.99
C SER A 56 -7.75 20.69 23.48
N THR A 57 -7.30 19.51 23.91
CA THR A 57 -7.37 19.15 25.32
C THR A 57 -6.17 19.74 26.06
N LEU A 58 -5.83 20.98 25.70
CA LEU A 58 -4.73 21.70 26.36
C LEU A 58 -5.22 22.25 27.69
N THR A 59 -5.58 21.33 28.59
CA THR A 59 -6.10 21.70 29.90
C THR A 59 -5.07 22.46 30.73
N GLY A 60 -5.19 23.78 30.73
CA GLY A 60 -4.25 24.62 31.45
C GLY A 60 -2.95 24.79 30.70
N GLY A 61 -2.57 26.04 30.43
CA GLY A 61 -1.38 26.33 29.67
C GLY A 61 -0.07 26.02 30.36
N SER A 62 0.04 24.83 30.93
CA SER A 62 1.27 24.39 31.57
C SER A 62 2.34 24.15 30.51
N SER A 63 3.51 24.76 30.71
CA SER A 63 4.59 24.69 29.73
C SER A 63 5.06 23.26 29.48
N SER A 64 4.76 22.36 30.40
CA SER A 64 5.06 20.95 30.23
C SER A 64 4.17 20.36 29.13
N THR A 65 2.91 20.77 29.11
CA THR A 65 1.96 20.31 28.11
C THR A 65 2.01 21.17 26.86
N LYS A 66 2.47 22.41 27.02
CA LYS A 66 2.72 23.29 25.88
C LYS A 66 3.81 22.67 25.00
N LYS A 67 4.75 21.98 25.64
CA LYS A 67 5.74 21.19 24.95
C LYS A 67 5.07 20.09 24.15
N THR A 68 4.15 19.39 24.80
CA THR A 68 3.40 18.30 24.18
C THR A 68 2.54 18.84 23.04
N GLN A 69 2.08 20.08 23.19
CA GLN A 69 1.24 20.72 22.17
C GLN A 69 2.00 20.89 20.86
N LEU A 70 3.14 21.56 20.91
CA LEU A 70 3.96 21.80 19.72
C LEU A 70 4.49 20.50 19.15
N GLN A 71 4.70 19.52 20.03
CA GLN A 71 5.13 18.20 19.61
C GLN A 71 4.09 17.52 18.72
N LEU A 72 2.81 17.80 19.00
CA LEU A 72 1.72 17.23 18.23
C LEU A 72 1.50 17.98 16.92
N GLU A 73 1.58 19.30 16.99
CA GLU A 73 1.37 20.15 15.81
C GLU A 73 2.35 19.79 14.70
N HIS A 74 3.61 19.60 15.06
CA HIS A 74 4.62 19.22 14.09
C HIS A 74 4.36 17.83 13.54
N LEU A 75 3.78 16.96 14.36
CA LEU A 75 3.37 15.64 13.91
C LEU A 75 2.18 15.76 12.99
N LEU A 76 1.18 16.53 13.44
CA LEU A 76 -0.02 16.81 12.69
C LEU A 76 0.29 17.36 11.30
N LEU A 77 1.16 18.37 11.25
CA LEU A 77 1.55 18.99 9.99
C LEU A 77 2.17 17.97 9.04
N ASP A 78 3.00 17.08 9.58
CA ASP A 78 3.67 16.07 8.77
C ASP A 78 2.70 15.01 8.30
N LEU A 79 1.55 14.91 8.96
CA LEU A 79 0.53 13.95 8.56
C LEU A 79 -0.38 14.54 7.49
N GLN A 80 -0.86 15.75 7.73
CA GLN A 80 -1.72 16.44 6.78
C GLN A 80 -1.00 16.67 5.46
N MET A 81 0.30 16.89 5.53
CA MET A 81 1.12 17.11 4.34
C MET A 81 1.16 15.87 3.45
N ILE A 82 1.34 14.70 4.06
CA ILE A 82 1.37 13.46 3.31
C ILE A 82 0.03 13.18 2.67
N LEU A 83 -1.04 13.39 3.44
CA LEU A 83 -2.39 13.14 2.96
C LEU A 83 -2.79 14.11 1.87
N ASN A 84 -2.39 15.38 2.03
CA ASN A 84 -2.64 16.38 1.00
C ASN A 84 -1.92 16.01 -0.28
N GLY A 85 -0.79 15.31 -0.15
CA GLY A 85 -0.03 14.84 -1.28
C GLY A 85 -0.24 13.38 -1.57
N ILE A 86 -1.51 12.98 -1.70
CA ILE A 86 -1.87 11.61 -2.02
C ILE A 86 -3.14 11.66 -2.86
N ASN A 87 -3.86 12.77 -2.74
CA ASN A 87 -5.15 12.94 -3.38
C ASN A 87 -5.13 13.86 -4.61
N ASN A 88 -4.03 14.57 -4.81
CA ASN A 88 -3.93 15.51 -5.93
C ASN A 88 -3.72 14.81 -7.27
N TYR A 89 -2.47 14.72 -7.68
CA TYR A 89 -2.11 14.11 -8.96
C TYR A 89 -1.56 12.71 -8.80
N LYS A 90 -1.70 12.15 -7.60
CA LYS A 90 -1.21 10.79 -7.34
C LYS A 90 -2.30 9.77 -7.64
N ASN A 91 -3.44 10.27 -8.12
CA ASN A 91 -4.55 9.44 -8.56
C ASN A 91 -4.16 8.30 -9.52
N PRO A 92 -3.19 8.53 -10.43
CA PRO A 92 -2.69 7.39 -11.21
C PRO A 92 -2.23 6.22 -10.34
N LYS A 93 -1.61 6.54 -9.20
CA LYS A 93 -1.15 5.49 -8.29
C LYS A 93 -2.09 5.33 -7.11
N LEU A 94 -2.69 6.44 -6.66
CA LEU A 94 -3.59 6.44 -5.51
C LEU A 94 -4.69 5.39 -5.61
N THR A 95 -5.25 5.25 -6.81
CA THR A 95 -6.35 4.32 -7.05
C THR A 95 -5.97 2.91 -6.60
N ARG A 96 -4.69 2.56 -6.75
CA ARG A 96 -4.20 1.26 -6.32
C ARG A 96 -3.49 1.34 -4.97
N MET A 97 -3.27 2.55 -4.48
CA MET A 97 -2.68 2.73 -3.16
C MET A 97 -3.75 2.60 -2.09
N LEU A 98 -5.01 2.67 -2.52
CA LEU A 98 -6.14 2.48 -1.61
C LEU A 98 -6.42 0.99 -1.43
N THR A 99 -5.66 0.16 -2.14
CA THR A 99 -5.81 -1.28 -2.07
C THR A 99 -5.06 -1.85 -0.87
N PHE A 100 -4.03 -1.13 -0.44
CA PHE A 100 -3.20 -1.56 0.68
C PHE A 100 -4.01 -1.56 1.99
N LYS A 101 -3.73 -2.54 2.84
CA LYS A 101 -4.43 -2.67 4.12
C LYS A 101 -3.66 -2.04 5.26
N PHE A 102 -4.18 -0.94 5.79
CA PHE A 102 -3.63 -0.34 7.00
C PHE A 102 -4.50 -0.70 8.19
N TYR A 103 -3.96 -0.55 9.39
CA TYR A 103 -4.67 -0.97 10.60
C TYR A 103 -4.95 0.19 11.53
N MET A 104 -6.15 0.19 12.10
CA MET A 104 -6.64 1.30 12.92
C MET A 104 -6.64 0.96 14.40
N PRO A 105 -6.48 1.99 15.26
CA PRO A 105 -6.62 1.78 16.70
C PRO A 105 -8.07 1.63 17.11
N LYS A 106 -8.37 0.65 17.96
CA LYS A 106 -9.72 0.46 18.45
C LYS A 106 -10.13 1.66 19.29
N LYS A 107 -9.17 2.16 20.07
CA LYS A 107 -9.37 3.37 20.86
C LYS A 107 -8.22 4.33 20.59
N ALA A 108 -8.50 5.63 20.59
CA ALA A 108 -7.47 6.63 20.36
C ALA A 108 -7.81 7.94 21.04
N THR A 109 -7.47 8.04 22.32
CA THR A 109 -7.72 9.27 23.09
C THR A 109 -6.53 9.62 23.98
N GLU A 110 -5.56 8.72 24.08
CA GLU A 110 -4.41 8.94 24.94
C GLU A 110 -3.10 8.81 24.17
N LEU A 111 -2.05 9.45 24.67
CA LEU A 111 -0.76 9.46 23.99
C LEU A 111 -0.10 8.08 23.97
N LYS A 112 -0.62 7.16 24.77
CA LYS A 112 -0.09 5.80 24.80
C LYS A 112 -0.64 4.99 23.63
N HIS A 113 -1.55 5.60 22.88
CA HIS A 113 -2.13 4.96 21.70
C HIS A 113 -1.31 5.24 20.46
N LEU A 114 -0.29 6.08 20.60
CA LEU A 114 0.61 6.39 19.49
C LEU A 114 1.45 5.18 19.11
N GLN A 115 1.44 4.17 19.97
CA GLN A 115 2.09 2.90 19.66
C GLN A 115 1.44 2.27 18.43
N CYS A 116 0.13 2.44 18.33
CA CYS A 116 -0.62 1.97 17.17
C CYS A 116 -0.13 2.64 15.89
N LEU A 117 0.17 3.92 15.99
CA LEU A 117 0.68 4.68 14.85
C LEU A 117 2.16 4.36 14.61
N GLU A 118 2.91 4.21 15.69
CA GLU A 118 4.34 3.92 15.62
C GLU A 118 4.63 2.65 14.81
N GLU A 119 3.78 1.64 15.00
CA GLU A 119 3.96 0.37 14.31
C GLU A 119 3.70 0.51 12.81
N GLU A 120 2.59 1.14 12.46
CA GLU A 120 2.19 1.27 11.06
C GLU A 120 3.06 2.24 10.25
N LEU A 121 4.18 2.67 10.84
CA LEU A 121 5.08 3.61 10.18
C LEU A 121 5.89 2.96 9.06
N LYS A 122 6.23 1.68 9.25
CA LYS A 122 6.99 0.95 8.22
C LYS A 122 6.14 0.60 6.99
N PRO A 123 4.90 0.12 7.18
CA PRO A 123 4.09 -0.04 5.97
C PRO A 123 3.68 1.29 5.35
N LEU A 124 3.72 2.36 6.14
CA LEU A 124 3.36 3.68 5.64
C LEU A 124 4.43 4.22 4.69
N GLU A 125 5.69 4.18 5.14
CA GLU A 125 6.81 4.61 4.32
C GLU A 125 6.92 3.75 3.08
N GLU A 126 6.51 2.48 3.23
CA GLU A 126 6.47 1.54 2.12
C GLU A 126 5.62 2.10 0.97
N VAL A 127 4.44 2.59 1.32
CA VAL A 127 3.50 3.13 0.35
C VAL A 127 3.96 4.51 -0.11
N LEU A 128 4.72 5.18 0.75
CA LEU A 128 5.20 6.53 0.47
C LEU A 128 6.25 6.49 -0.65
N ASN A 129 6.93 5.36 -0.79
CA ASN A 129 7.93 5.19 -1.83
C ASN A 129 7.29 4.92 -3.20
N LEU A 130 6.09 4.36 -3.18
CA LEU A 130 5.34 4.06 -4.40
C LEU A 130 5.37 5.18 -5.42
N ALA A 131 5.13 6.40 -4.95
CA ALA A 131 5.15 7.57 -5.80
C ALA A 131 6.50 8.26 -5.76
N GLN A 132 7.48 7.62 -5.10
CA GLN A 132 8.80 8.24 -4.91
C GLN A 132 9.99 7.31 -5.16
N GLY A 133 9.82 6.02 -4.88
CA GLY A 133 10.85 5.03 -5.13
C GLY A 133 10.94 4.62 -6.60
N SER A 134 10.37 5.47 -7.47
CA SER A 134 10.45 5.32 -8.93
C SER A 134 9.87 4.01 -9.42
N GLY A 137 14.29 3.24 -13.30
CA GLY A 137 13.01 3.54 -12.68
C GLY A 137 11.84 3.42 -13.64
N SER A 138 11.08 2.35 -13.50
CA SER A 138 9.95 2.08 -14.38
C SER A 138 8.70 2.82 -13.92
N GLU A 139 7.60 2.67 -14.66
CA GLU A 139 6.36 3.33 -14.26
C GLU A 139 5.27 2.30 -14.00
N LEU A 140 4.34 2.63 -13.12
CA LEU A 140 3.28 1.70 -12.78
C LEU A 140 2.03 1.94 -13.60
N CYS A 141 1.23 0.89 -13.74
CA CYS A 141 0.04 0.92 -14.58
C CYS A 141 -1.19 1.33 -13.76
N ASP A 142 -1.86 2.38 -14.23
CA ASP A 142 -2.96 3.01 -13.50
C ASP A 142 -4.09 2.05 -13.13
N ASP A 143 -4.33 1.07 -14.00
CA ASP A 143 -5.45 0.16 -13.80
C ASP A 143 -4.99 -1.28 -13.64
N ASP A 144 -5.91 -2.12 -13.18
CA ASP A 144 -5.71 -3.56 -13.23
C ASP A 144 -6.05 -4.04 -14.63
N PRO A 145 -5.37 -5.09 -15.11
CA PRO A 145 -5.65 -5.66 -16.43
C PRO A 145 -7.13 -5.97 -16.63
N PRO A 146 -7.66 -5.70 -17.84
CA PRO A 146 -9.08 -5.86 -18.16
C PRO A 146 -9.61 -7.26 -17.84
N GLU A 147 -10.56 -7.33 -16.90
CA GLU A 147 -11.17 -8.60 -16.55
C GLU A 147 -11.97 -9.15 -17.72
N ILE A 148 -12.01 -10.46 -17.84
CA ILE A 148 -12.70 -11.11 -18.95
C ILE A 148 -13.71 -12.13 -18.41
N PRO A 149 -14.95 -12.07 -18.93
CA PRO A 149 -16.04 -12.98 -18.56
C PRO A 149 -15.63 -14.44 -18.55
N HIS A 150 -15.67 -15.07 -17.38
CA HIS A 150 -15.34 -16.48 -17.21
C HIS A 150 -13.93 -16.80 -17.68
N ALA A 151 -12.99 -15.92 -17.36
CA ALA A 151 -11.60 -16.11 -17.74
C ALA A 151 -10.66 -15.37 -16.79
N THR A 152 -9.47 -15.92 -16.58
CA THR A 152 -8.46 -15.30 -15.73
C THR A 152 -7.21 -14.96 -16.53
N PHE A 153 -6.18 -14.49 -15.84
CA PHE A 153 -4.92 -14.15 -16.51
C PHE A 153 -3.74 -14.25 -15.54
N LYS A 154 -2.54 -14.34 -16.11
CA LYS A 154 -1.32 -14.55 -15.33
C LYS A 154 -0.08 -14.20 -16.13
N ALA A 155 0.69 -13.22 -15.65
CA ALA A 155 1.94 -12.84 -16.30
C ALA A 155 2.98 -13.95 -16.14
N MET A 156 3.79 -14.15 -17.17
CA MET A 156 4.78 -15.21 -17.16
C MET A 156 6.13 -14.74 -16.62
N ALA A 157 6.59 -13.60 -17.09
CA ALA A 157 7.88 -13.06 -16.65
C ALA A 157 7.70 -11.68 -16.03
N TYR A 158 7.77 -11.62 -14.71
CA TYR A 158 7.66 -10.36 -13.99
C TYR A 158 8.84 -9.47 -14.31
N LYS A 159 8.57 -8.18 -14.49
CA LYS A 159 9.62 -7.22 -14.80
C LYS A 159 9.99 -6.41 -13.57
N GLU A 160 11.12 -5.71 -13.65
CA GLU A 160 11.67 -4.99 -12.51
C GLU A 160 10.74 -3.90 -11.96
N GLY A 161 10.08 -4.21 -10.85
CA GLY A 161 9.24 -3.22 -10.19
C GLY A 161 7.84 -3.67 -9.86
N THR A 162 7.45 -4.85 -10.36
CA THR A 162 6.12 -5.37 -10.10
C THR A 162 5.97 -5.72 -8.62
N MET A 163 4.78 -5.50 -8.08
CA MET A 163 4.56 -5.68 -6.65
C MET A 163 3.43 -6.65 -6.35
N LEU A 164 3.46 -7.19 -5.13
CA LEU A 164 2.47 -8.17 -4.70
C LEU A 164 1.99 -7.86 -3.29
N ASN A 165 0.72 -7.50 -3.17
CA ASN A 165 0.12 -7.18 -1.88
C ASN A 165 0.25 -8.31 -0.87
N CYS A 166 0.66 -7.98 0.34
CA CYS A 166 0.77 -8.96 1.41
C CYS A 166 -0.57 -9.19 2.09
N GLU A 167 -1.55 -9.65 1.33
CA GLU A 167 -2.86 -9.97 1.88
C GLU A 167 -2.82 -11.34 2.55
N CYS A 168 -3.76 -11.61 3.44
CA CYS A 168 -3.75 -12.85 4.21
C CYS A 168 -5.05 -13.62 4.08
N LYS A 169 -5.10 -14.79 4.72
CA LYS A 169 -6.30 -15.62 4.75
C LYS A 169 -7.34 -14.96 5.66
N ARG A 170 -8.56 -15.51 5.66
CA ARG A 170 -9.63 -15.02 6.52
C ARG A 170 -9.25 -15.06 7.99
N GLY A 171 -9.55 -13.98 8.70
CA GLY A 171 -9.24 -13.90 10.13
C GLY A 171 -7.80 -13.57 10.40
N PHE A 172 -6.98 -13.57 9.35
CA PHE A 172 -5.57 -13.27 9.48
C PHE A 172 -5.24 -11.86 9.01
N ARG A 173 -4.39 -11.18 9.77
CA ARG A 173 -3.91 -9.86 9.40
C ARG A 173 -2.45 -9.97 8.98
N ARG A 174 -1.97 -9.01 8.20
CA ARG A 174 -0.54 -8.97 7.92
C ARG A 174 0.15 -8.49 9.19
N ILE A 175 1.40 -8.93 9.39
CA ILE A 175 2.12 -8.71 10.64
C ILE A 175 2.14 -7.24 11.06
N LYS A 176 1.90 -7.02 12.36
CA LYS A 176 2.00 -5.69 12.96
C LYS A 176 3.34 -5.05 12.62
N SER A 177 3.29 -3.81 12.16
CA SER A 177 4.49 -3.04 11.79
C SER A 177 5.30 -3.74 10.71
N GLY A 178 4.62 -4.47 9.82
CA GLY A 178 5.28 -5.16 8.74
C GLY A 178 5.03 -4.52 7.39
N SER A 179 5.87 -4.88 6.41
CA SER A 179 5.72 -4.36 5.05
C SER A 179 4.40 -4.81 4.44
N LEU A 180 3.92 -4.06 3.46
CA LEU A 180 2.59 -4.30 2.90
C LEU A 180 2.63 -5.08 1.58
N TYR A 181 3.82 -5.22 1.01
CA TYR A 181 3.97 -5.90 -0.28
C TYR A 181 5.41 -6.32 -0.55
N MET A 182 5.61 -7.08 -1.61
CA MET A 182 6.94 -7.44 -2.06
C MET A 182 7.29 -6.68 -3.33
N LEU A 183 8.57 -6.68 -3.71
CA LEU A 183 9.01 -5.97 -4.89
C LEU A 183 10.10 -6.74 -5.65
N CYS A 184 9.97 -6.77 -6.97
CA CYS A 184 10.96 -7.38 -7.84
C CYS A 184 12.08 -6.40 -8.16
N THR A 185 13.28 -6.70 -7.69
CA THR A 185 14.44 -5.84 -7.97
C THR A 185 15.19 -6.37 -9.20
N GLY A 186 15.29 -5.53 -10.23
CA GLY A 186 15.88 -5.94 -11.49
C GLY A 186 17.34 -5.58 -11.68
N ASN A 187 17.73 -4.40 -11.22
CA ASN A 187 19.11 -3.91 -11.36
C ASN A 187 19.62 -4.06 -12.80
N SER A 188 20.73 -4.79 -12.94
CA SER A 188 21.31 -5.08 -14.24
C SER A 188 21.94 -6.47 -14.21
N SER A 189 22.61 -6.78 -13.11
CA SER A 189 23.26 -8.08 -12.94
C SER A 189 22.24 -9.19 -12.73
N HIS A 190 21.79 -9.36 -11.49
CA HIS A 190 20.82 -10.40 -11.15
C HIS A 190 19.40 -9.86 -11.20
N SER A 191 18.46 -10.63 -10.66
CA SER A 191 17.05 -10.24 -10.61
C SER A 191 16.30 -11.10 -9.60
N SER A 192 15.84 -10.49 -8.51
CA SER A 192 15.12 -11.23 -7.48
C SER A 192 14.17 -10.33 -6.70
N TRP A 193 13.43 -10.93 -5.78
CA TRP A 193 12.45 -10.20 -4.97
C TRP A 193 13.08 -9.66 -3.70
N ASP A 194 12.39 -8.71 -3.07
CA ASP A 194 12.92 -8.04 -1.88
C ASP A 194 12.20 -8.43 -0.60
N ASN A 195 11.07 -7.76 -0.34
CA ASN A 195 10.37 -7.91 0.94
C ASN A 195 9.76 -9.30 1.15
N GLN A 196 9.21 -9.52 2.33
CA GLN A 196 8.56 -10.78 2.66
C GLN A 196 7.26 -10.54 3.43
N CYS A 197 6.23 -11.31 3.11
CA CYS A 197 4.94 -11.18 3.76
C CYS A 197 4.87 -12.06 5.00
N GLN A 198 3.94 -11.74 5.91
CA GLN A 198 3.74 -12.53 7.12
C GLN A 198 2.36 -12.28 7.70
N CYS A 199 1.72 -13.33 8.20
CA CYS A 199 0.35 -13.23 8.69
C CYS A 199 0.16 -13.89 10.05
N THR A 200 -0.36 -13.13 11.02
CA THR A 200 -0.69 -13.67 12.33
C THR A 200 -2.22 -13.73 12.47
N SER A 201 -2.70 -14.17 13.63
CA SER A 201 -4.12 -14.40 13.83
C SER A 201 -4.79 -13.27 14.62
N SER A 202 -6.12 -13.31 14.67
CA SER A 202 -6.89 -12.33 15.43
C SER A 202 -7.17 -12.83 16.85
N HIS A 241 13.26 -9.16 -15.12
CA HIS A 241 13.28 -10.61 -15.33
C HIS A 241 13.13 -11.33 -13.99
N CYS A 242 11.94 -11.30 -13.42
CA CYS A 242 11.67 -11.96 -12.14
C CYS A 242 10.71 -13.14 -12.29
N ARG A 243 10.76 -14.06 -11.33
CA ARG A 243 9.83 -15.18 -11.28
C ARG A 243 8.87 -15.04 -10.11
N GLU A 244 7.89 -15.93 -10.06
CA GLU A 244 6.83 -15.84 -9.05
C GLU A 244 7.29 -16.36 -7.70
N PRO A 245 7.10 -15.54 -6.64
CA PRO A 245 7.52 -15.84 -5.27
C PRO A 245 6.74 -16.99 -4.62
N PRO A 246 7.38 -17.69 -3.66
CA PRO A 246 6.76 -18.80 -2.91
C PRO A 246 5.72 -18.31 -1.90
N PRO A 247 4.69 -19.13 -1.63
CA PRO A 247 3.57 -18.77 -0.75
C PRO A 247 3.92 -18.75 0.74
N TRP A 248 3.08 -18.07 1.51
CA TRP A 248 3.13 -18.10 2.96
C TRP A 248 1.79 -18.64 3.46
N GLU A 249 1.30 -18.11 4.58
CA GLU A 249 -0.10 -18.33 4.92
C GLU A 249 -0.91 -17.32 4.10
N ASN A 250 -1.00 -17.61 2.81
CA ASN A 250 -1.43 -16.65 1.81
C ASN A 250 -2.89 -16.26 1.92
N GLU A 251 -3.33 -15.42 0.98
CA GLU A 251 -4.73 -15.03 0.88
C GLU A 251 -5.53 -16.13 0.20
N ALA A 252 -6.62 -16.56 0.85
CA ALA A 252 -7.45 -17.63 0.31
C ALA A 252 -8.35 -17.13 -0.80
N THR A 253 -7.81 -16.29 -1.68
CA THR A 253 -8.53 -15.76 -2.82
C THR A 253 -7.67 -15.81 -4.07
N GLU A 254 -6.60 -15.01 -4.06
CA GLU A 254 -5.66 -14.96 -5.17
C GLU A 254 -4.39 -14.24 -4.72
N ARG A 255 -3.97 -13.26 -5.48
CA ARG A 255 -2.78 -12.47 -5.20
C ARG A 255 -2.92 -11.11 -5.88
N ILE A 256 -3.00 -10.05 -5.09
CA ILE A 256 -3.19 -8.70 -5.63
C ILE A 256 -1.87 -8.16 -6.18
N TYR A 257 -1.81 -8.00 -7.50
CA TYR A 257 -0.60 -7.52 -8.17
C TYR A 257 -0.70 -6.10 -8.68
N HIS A 258 0.45 -5.47 -8.89
CA HIS A 258 0.53 -4.16 -9.52
C HIS A 258 1.71 -4.16 -10.47
N PHE A 259 1.42 -4.15 -11.77
CA PHE A 259 2.46 -4.31 -12.79
C PHE A 259 3.06 -2.99 -13.25
N VAL A 260 4.27 -3.07 -13.77
CA VAL A 260 4.93 -1.93 -14.39
C VAL A 260 4.61 -1.94 -15.88
N VAL A 261 4.97 -0.86 -16.57
CA VAL A 261 4.72 -0.77 -18.01
C VAL A 261 5.60 -1.76 -18.75
N GLY A 262 5.06 -2.33 -19.83
CA GLY A 262 5.77 -3.33 -20.61
C GLY A 262 5.53 -4.74 -20.12
N GLN A 263 4.67 -4.88 -19.11
CA GLN A 263 4.32 -6.19 -18.57
C GLN A 263 3.08 -6.75 -19.25
N MET A 264 3.11 -8.03 -19.59
CA MET A 264 2.01 -8.67 -20.29
C MET A 264 1.42 -9.83 -19.49
N VAL A 265 0.10 -9.84 -19.35
CA VAL A 265 -0.60 -10.92 -18.67
C VAL A 265 -1.21 -11.87 -19.71
N TYR A 266 -1.22 -13.15 -19.39
CA TYR A 266 -1.71 -14.16 -20.30
C TYR A 266 -3.09 -14.68 -19.91
N TYR A 267 -4.10 -14.35 -20.72
CA TYR A 267 -5.47 -14.76 -20.45
C TYR A 267 -5.76 -16.19 -20.91
N GLN A 268 -6.72 -16.81 -20.24
CA GLN A 268 -7.26 -18.10 -20.66
C GLN A 268 -8.54 -18.39 -19.91
N CYS A 269 -9.42 -19.20 -20.49
CA CYS A 269 -10.70 -19.51 -19.88
C CYS A 269 -10.54 -20.40 -18.66
N VAL A 270 -11.55 -20.40 -17.79
CA VAL A 270 -11.60 -21.35 -16.69
C VAL A 270 -12.29 -22.61 -17.20
N GLN A 271 -12.21 -23.69 -16.43
CA GLN A 271 -12.79 -24.97 -16.85
C GLN A 271 -14.31 -24.87 -16.97
N GLY A 272 -14.85 -25.58 -17.95
CA GLY A 272 -16.28 -25.55 -18.21
C GLY A 272 -16.66 -24.50 -19.23
N TYR A 273 -15.67 -23.76 -19.71
CA TYR A 273 -15.89 -22.72 -20.71
C TYR A 273 -14.87 -22.84 -21.84
N ARG A 274 -15.13 -22.20 -22.97
CA ARG A 274 -14.27 -22.38 -24.13
C ARG A 274 -14.09 -21.11 -24.97
N ALA A 275 -12.83 -20.82 -25.29
CA ALA A 275 -12.48 -19.69 -26.14
C ALA A 275 -12.49 -20.08 -27.60
N LEU A 276 -12.58 -19.07 -28.47
CA LEU A 276 -12.50 -19.27 -29.91
C LEU A 276 -11.49 -18.30 -30.50
N HIS A 277 -10.63 -17.78 -29.64
CA HIS A 277 -9.46 -16.98 -30.00
C HIS A 277 -9.77 -15.54 -30.41
N ARG A 278 -10.62 -15.37 -31.43
CA ARG A 278 -10.81 -14.07 -32.09
C ARG A 278 -9.46 -13.43 -32.37
N GLY A 279 -9.19 -12.33 -31.67
CA GLY A 279 -7.92 -11.65 -31.75
C GLY A 279 -6.93 -12.17 -30.71
N PRO A 280 -6.19 -11.26 -30.06
CA PRO A 280 -5.17 -11.61 -29.07
C PRO A 280 -5.75 -12.10 -27.75
N ALA A 281 -5.05 -13.02 -27.09
CA ALA A 281 -5.49 -13.54 -25.80
C ALA A 281 -4.56 -13.09 -24.69
N GLU A 282 -4.11 -11.85 -24.76
CA GLU A 282 -3.21 -11.28 -23.75
C GLU A 282 -3.22 -9.76 -23.83
N SER A 283 -2.95 -9.11 -22.70
CA SER A 283 -2.96 -7.65 -22.63
C SER A 283 -1.62 -7.12 -22.14
N VAL A 284 -1.18 -6.02 -22.71
CA VAL A 284 0.08 -5.39 -22.33
C VAL A 284 -0.17 -3.96 -21.87
N CYS A 285 0.43 -3.58 -20.74
CA CYS A 285 0.30 -2.23 -20.22
C CYS A 285 1.26 -1.27 -20.93
N LYS A 286 0.69 -0.32 -21.67
CA LYS A 286 1.49 0.64 -22.42
C LYS A 286 1.19 2.06 -21.95
N MET A 287 2.24 2.88 -21.85
CA MET A 287 2.09 4.28 -21.50
C MET A 287 2.01 5.13 -22.75
N THR A 288 0.80 5.37 -23.24
CA THR A 288 0.60 6.14 -24.47
C THR A 288 0.21 7.58 -24.15
N HIS A 289 1.07 8.51 -24.53
CA HIS A 289 0.85 9.94 -24.31
C HIS A 289 0.54 10.26 -22.84
N GLY A 290 1.50 9.99 -21.96
CA GLY A 290 1.35 10.29 -20.56
C GLY A 290 0.59 9.23 -19.78
N LYS A 291 -0.69 9.08 -20.08
CA LYS A 291 -1.54 8.12 -19.38
C LYS A 291 -1.18 6.69 -19.78
N THR A 292 -1.30 5.77 -18.83
CA THR A 292 -1.04 4.37 -19.10
C THR A 292 -2.36 3.62 -19.28
N ARG A 293 -2.34 2.60 -20.13
CA ARG A 293 -3.53 1.82 -20.43
C ARG A 293 -3.17 0.37 -20.71
N TRP A 294 -4.19 -0.44 -20.95
CA TRP A 294 -3.98 -1.85 -21.26
C TRP A 294 -4.50 -2.20 -22.64
N THR A 295 -3.63 -2.76 -23.48
CA THR A 295 -4.02 -3.18 -24.82
C THR A 295 -5.10 -4.24 -24.73
N GLN A 296 -6.33 -3.85 -25.09
CA GLN A 296 -7.50 -4.70 -24.94
C GLN A 296 -7.35 -6.02 -25.70
N PRO A 297 -7.37 -7.14 -24.97
CA PRO A 297 -7.34 -8.48 -25.56
C PRO A 297 -8.71 -8.92 -26.08
N GLN A 298 -8.72 -9.63 -27.20
CA GLN A 298 -9.97 -10.10 -27.77
C GLN A 298 -10.13 -11.60 -27.52
N LEU A 299 -10.86 -11.94 -26.46
CA LEU A 299 -11.01 -13.33 -26.05
C LEU A 299 -12.26 -13.50 -25.18
N ILE A 300 -13.14 -14.40 -25.56
CA ILE A 300 -14.39 -14.62 -24.84
C ILE A 300 -14.69 -16.11 -24.70
N CYS A 301 -15.20 -16.51 -23.53
CA CYS A 301 -15.54 -17.89 -23.25
C CYS A 301 -17.04 -18.05 -22.95
N THR A 302 -17.62 -19.17 -23.36
CA THR A 302 -19.03 -19.44 -23.11
C THR A 302 -19.23 -20.81 -22.45
N GLY A 303 -20.37 -20.96 -21.79
CA GLY A 303 -20.69 -22.21 -21.11
C GLY A 303 -21.31 -23.25 -22.03
#